data_6RUP
#
_entry.id   6RUP
#
_cell.length_a   51.040
_cell.length_b   51.040
_cell.length_c   182.340
_cell.angle_alpha   90.00
_cell.angle_beta   90.00
_cell.angle_gamma   90.00
#
_symmetry.space_group_name_H-M   'P 41 21 2'
#
loop_
_entity.id
_entity.type
_entity.pdbx_description
1 polymer 'Single-stranded DNA-binding protein, mitochondrial'
2 polymer SER-SER-SER-SER
3 non-polymer 'MAGNESIUM ION'
4 water water
#
loop_
_entity_poly.entity_id
_entity_poly.type
_entity_poly.pdbx_seq_one_letter_code
_entity_poly.pdbx_strand_id
1 'polypeptide(L)'
;MAHHHHHHESETTTSLVLERSLNRVHLLGRVGQDPVLRQVEGKNPVTIFSLATNEMWRSGDSEVYQLGDVSQKTTWHRIS
VFRPGLRDVAYQYVKKGSRIYLEGKIDYGEYMDKNNVRRQATTIIADNIIFLSDQTKEKELE
;
A,B
2 'polypeptide(L)' SSSS C
#
# COMPACT_ATOMS: atom_id res chain seq x y z
N VAL A 17 -11.14 24.71 -7.24
CA VAL A 17 -10.31 24.55 -6.05
C VAL A 17 -10.85 23.41 -5.20
N LEU A 18 -10.30 22.21 -5.40
CA LEU A 18 -10.77 21.03 -4.68
C LEU A 18 -10.34 21.09 -3.22
N GLU A 19 -11.20 20.54 -2.36
CA GLU A 19 -10.96 20.52 -0.92
C GLU A 19 -9.69 19.72 -0.60
N ARG A 20 -9.31 19.75 0.68
CA ARG A 20 -8.11 19.07 1.14
C ARG A 20 -8.34 17.57 1.26
N SER A 21 -7.36 16.80 0.82
CA SER A 21 -7.35 15.37 1.00
C SER A 21 -5.97 14.99 1.55
N LEU A 22 -5.82 13.72 1.93
CA LEU A 22 -4.55 13.21 2.44
C LEU A 22 -4.25 11.87 1.81
N ASN A 23 -2.98 11.67 1.47
CA ASN A 23 -2.51 10.39 0.94
C ASN A 23 -1.11 10.24 1.52
N ARG A 24 -1.01 9.58 2.66
CA ARG A 24 0.21 9.59 3.46
C ARG A 24 0.49 8.17 3.95
N VAL A 25 1.66 7.64 3.60
CA VAL A 25 2.09 6.31 4.00
C VAL A 25 3.33 6.44 4.89
N HIS A 26 3.41 5.62 5.95
CA HIS A 26 4.58 5.49 6.81
C HIS A 26 5.00 4.04 6.77
N LEU A 27 6.26 3.77 6.40
CA LEU A 27 6.81 2.42 6.47
C LEU A 27 8.10 2.39 7.26
N LEU A 28 8.32 1.27 7.92
CA LEU A 28 9.56 1.00 8.63
C LEU A 28 9.88 -0.45 8.37
N GLY A 29 10.98 -0.72 7.68
CA GLY A 29 11.24 -2.09 7.29
C GLY A 29 12.64 -2.26 6.79
N ARG A 30 12.90 -3.43 6.21
CA ARG A 30 14.23 -3.78 5.74
C ARG A 30 14.23 -3.80 4.23
N VAL A 31 15.25 -3.20 3.64
CA VAL A 31 15.35 -3.11 2.18
C VAL A 31 15.70 -4.46 1.59
N GLY A 32 15.05 -4.81 0.48
CA GLY A 32 15.17 -6.15 -0.08
C GLY A 32 16.37 -6.37 -0.96
N GLN A 33 16.89 -5.32 -1.59
CA GLN A 33 18.04 -5.47 -2.47
C GLN A 33 18.62 -4.09 -2.70
N ASP A 34 19.84 -4.06 -3.22
CA ASP A 34 20.47 -2.78 -3.51
C ASP A 34 19.59 -1.97 -4.45
N PRO A 35 19.47 -0.67 -4.25
CA PRO A 35 18.60 0.14 -5.10
C PRO A 35 19.04 0.17 -6.56
N VAL A 36 18.07 0.41 -7.43
CA VAL A 36 18.32 0.66 -8.85
C VAL A 36 18.16 2.15 -9.08
N LEU A 37 19.15 2.74 -9.74
CA LEU A 37 19.04 4.10 -10.24
C LEU A 37 18.56 3.99 -11.68
N ARG A 38 17.30 4.37 -11.96
CA ARG A 38 16.61 4.12 -13.20
C ARG A 38 16.40 5.43 -13.97
N GLN A 39 16.86 5.47 -15.21
CA GLN A 39 16.58 6.56 -16.15
C GLN A 39 16.07 5.90 -17.42
N VAL A 40 14.77 5.66 -17.46
CA VAL A 40 14.09 5.30 -18.70
C VAL A 40 13.89 6.58 -19.49
N GLU A 41 14.61 6.70 -20.62
CA GLU A 41 14.75 7.96 -21.33
C GLU A 41 13.41 8.67 -21.51
N GLY A 42 13.39 9.96 -21.19
CA GLY A 42 12.15 10.72 -21.17
C GLY A 42 11.81 11.16 -19.77
N LYS A 43 11.25 10.25 -18.97
CA LYS A 43 10.99 10.55 -17.57
C LYS A 43 12.31 10.72 -16.81
N ASN A 44 12.27 11.57 -15.78
CA ASN A 44 13.47 11.95 -15.07
C ASN A 44 13.99 10.79 -14.21
N PRO A 45 15.26 10.85 -13.80
CA PRO A 45 15.84 9.72 -13.04
C PRO A 45 15.15 9.49 -11.70
N VAL A 46 15.08 8.22 -11.32
CA VAL A 46 14.34 7.77 -10.16
C VAL A 46 15.14 6.67 -9.48
N THR A 47 15.24 6.73 -8.15
CA THR A 47 15.83 5.62 -7.41
C THR A 47 14.71 4.65 -7.02
N ILE A 48 14.89 3.37 -7.36
CA ILE A 48 13.91 2.33 -7.07
C ILE A 48 14.53 1.32 -6.11
N PHE A 49 13.77 0.96 -5.09
CA PHE A 49 14.13 -0.18 -4.26
C PHE A 49 12.88 -0.77 -3.63
N SER A 50 13.06 -1.93 -3.01
CA SER A 50 11.99 -2.66 -2.36
C SER A 50 12.18 -2.63 -0.85
N LEU A 51 11.06 -2.60 -0.14
CA LEU A 51 11.06 -2.58 1.31
C LEU A 51 10.12 -3.66 1.80
N ALA A 52 10.61 -4.51 2.69
CA ALA A 52 9.82 -5.59 3.27
C ALA A 52 9.28 -5.16 4.63
N THR A 53 7.98 -5.36 4.86
CA THR A 53 7.41 -5.24 6.20
C THR A 53 6.73 -6.54 6.56
N ASN A 54 6.79 -6.88 7.83
CA ASN A 54 6.21 -8.12 8.34
C ASN A 54 5.00 -7.82 9.19
N GLU A 55 3.99 -8.59 8.95
CA GLU A 55 2.78 -8.54 9.75
C GLU A 55 2.66 -9.88 10.46
N MET A 56 2.70 -9.86 11.78
CA MET A 56 2.52 -11.06 12.59
C MET A 56 1.17 -11.01 13.29
N TRP A 57 0.52 -12.16 13.41
CA TRP A 57 -0.84 -12.23 13.95
C TRP A 57 -1.21 -13.65 14.34
N ARG A 58 -1.76 -13.82 15.54
CA ARG A 58 -2.06 -15.15 16.06
C ARG A 58 -3.22 -15.78 15.31
N SER A 59 -3.35 -17.09 15.46
CA SER A 59 -4.39 -17.84 14.76
C SER A 59 -5.02 -18.88 15.69
N GLN A 66 -1.58 -27.06 22.60
CA GLN A 66 -0.31 -27.30 21.93
C GLN A 66 0.66 -26.15 22.13
N LEU A 67 1.16 -25.59 21.03
CA LEU A 67 2.00 -24.41 21.03
C LEU A 67 1.21 -23.22 20.49
N GLY A 68 1.68 -22.02 20.82
CA GLY A 68 1.03 -20.81 20.36
C GLY A 68 1.08 -20.65 18.86
N ASP A 69 -0.06 -20.82 18.20
CA ASP A 69 -0.12 -20.79 16.74
C ASP A 69 -0.18 -19.35 16.26
N VAL A 70 0.85 -18.93 15.50
CA VAL A 70 1.00 -17.55 15.08
C VAL A 70 1.33 -17.48 13.60
N SER A 71 0.68 -16.57 12.88
CA SER A 71 0.88 -16.41 11.45
C SER A 71 1.74 -15.18 11.17
N GLN A 72 2.47 -15.23 10.07
CA GLN A 72 3.33 -14.14 9.64
C GLN A 72 3.24 -13.98 8.13
N LYS A 73 3.12 -12.72 7.70
CA LYS A 73 3.10 -12.38 6.29
C LYS A 73 4.10 -11.26 6.04
N THR A 74 4.89 -11.40 4.98
CA THR A 74 5.83 -10.37 4.54
C THR A 74 5.21 -9.62 3.37
N THR A 75 5.14 -8.30 3.47
CA THR A 75 4.63 -7.45 2.40
C THR A 75 5.80 -6.71 1.75
N TRP A 76 5.88 -6.77 0.43
CA TRP A 76 6.98 -6.21 -0.34
C TRP A 76 6.51 -4.96 -1.06
N HIS A 77 7.01 -3.81 -0.64
CA HIS A 77 6.65 -2.51 -1.19
C HIS A 77 7.72 -2.08 -2.18
N ARG A 78 7.29 -1.54 -3.32
CA ARG A 78 8.19 -0.87 -4.25
C ARG A 78 8.27 0.61 -3.88
N ILE A 79 9.49 1.11 -3.70
CA ILE A 79 9.70 2.49 -3.30
C ILE A 79 10.34 3.22 -4.48
N SER A 80 9.77 4.36 -4.85
CA SER A 80 10.38 5.26 -5.82
C SER A 80 10.78 6.56 -5.14
N VAL A 81 11.96 7.07 -5.46
CA VAL A 81 12.43 8.35 -4.94
C VAL A 81 12.69 9.26 -6.14
N PHE A 82 11.83 10.25 -6.35
CA PHE A 82 12.04 11.21 -7.43
C PHE A 82 12.73 12.49 -6.98
N ARG A 83 12.52 12.90 -5.73
CA ARG A 83 13.01 14.19 -5.25
C ARG A 83 14.52 14.29 -5.47
N PRO A 84 15.02 15.37 -6.07
CA PRO A 84 16.39 15.34 -6.62
C PRO A 84 17.49 15.05 -5.60
N GLY A 85 17.46 15.69 -4.42
CA GLY A 85 18.50 15.41 -3.45
C GLY A 85 18.32 14.08 -2.74
N LEU A 86 17.07 13.75 -2.41
CA LEU A 86 16.77 12.49 -1.74
C LEU A 86 17.05 11.28 -2.63
N ARG A 87 16.82 11.42 -3.94
CA ARG A 87 17.03 10.30 -4.86
C ARG A 87 18.49 9.85 -4.83
N ASP A 88 19.43 10.80 -4.80
CA ASP A 88 20.84 10.45 -4.78
C ASP A 88 21.26 9.88 -3.44
N VAL A 89 20.81 10.50 -2.34
CA VAL A 89 21.07 9.96 -1.02
C VAL A 89 20.56 8.53 -0.92
N ALA A 90 19.39 8.28 -1.49
CA ALA A 90 18.82 6.94 -1.45
C ALA A 90 19.69 5.96 -2.23
N TYR A 91 20.12 6.35 -3.44
CA TYR A 91 20.88 5.40 -4.25
C TYR A 91 22.22 5.07 -3.60
N GLN A 92 22.87 6.07 -2.99
CA GLN A 92 24.20 5.83 -2.47
C GLN A 92 24.19 5.13 -1.09
N TYR A 93 23.15 5.34 -0.28
CA TYR A 93 23.18 4.86 1.10
C TYR A 93 22.25 3.70 1.40
N VAL A 94 21.14 3.55 0.67
CA VAL A 94 20.30 2.37 0.89
C VAL A 94 21.04 1.12 0.41
N LYS A 95 21.09 0.10 1.25
CA LYS A 95 21.68 -1.18 0.87
C LYS A 95 20.71 -2.30 1.18
N LYS A 96 20.94 -3.46 0.58
CA LYS A 96 20.21 -4.66 0.96
C LYS A 96 20.34 -4.89 2.47
N GLY A 97 19.21 -5.14 3.12
CA GLY A 97 19.19 -5.31 4.54
C GLY A 97 19.06 -4.02 5.34
N SER A 98 19.29 -2.84 4.74
CA SER A 98 19.13 -1.57 5.45
C SER A 98 17.78 -1.46 6.10
N ARG A 99 17.77 -1.08 7.37
CA ARG A 99 16.53 -0.78 8.07
C ARG A 99 16.25 0.71 7.93
N ILE A 100 15.09 1.05 7.38
CA ILE A 100 14.77 2.46 7.22
C ILE A 100 13.32 2.72 7.57
N TYR A 101 13.09 3.98 7.95
CA TYR A 101 11.76 4.54 8.05
C TYR A 101 11.55 5.49 6.89
N LEU A 102 10.37 5.43 6.26
CA LEU A 102 10.10 6.40 5.20
C LEU A 102 8.64 6.83 5.20
N GLU A 103 8.43 7.99 4.61
CA GLU A 103 7.12 8.58 4.44
C GLU A 103 6.96 8.97 2.99
N GLY A 104 5.75 8.83 2.48
CA GLY A 104 5.46 9.24 1.13
C GLY A 104 3.98 9.15 0.85
N LYS A 105 3.67 9.07 -0.43
CA LYS A 105 2.30 8.90 -0.89
C LYS A 105 2.23 7.67 -1.79
N ILE A 106 1.11 7.06 -1.82
CA ILE A 106 0.93 5.95 -2.73
C ILE A 106 0.50 6.47 -4.10
N ASP A 107 1.08 5.91 -5.15
CA ASP A 107 0.74 6.23 -6.53
C ASP A 107 0.62 4.91 -7.28
N TYR A 108 -0.48 4.72 -8.02
CA TYR A 108 -0.75 3.39 -8.58
C TYR A 108 -0.14 3.17 -9.95
N GLY A 109 0.37 4.22 -10.60
CA GLY A 109 1.02 4.08 -11.89
C GLY A 109 0.13 3.40 -12.91
N GLU A 110 -1.01 4.01 -13.19
CA GLU A 110 -1.86 3.52 -14.27
C GLU A 110 -1.10 3.64 -15.59
N TYR A 111 -1.34 2.68 -16.48
CA TYR A 111 -0.71 2.72 -17.80
C TYR A 111 -1.53 1.86 -18.74
N MET A 112 -1.66 2.32 -19.98
CA MET A 112 -2.31 1.51 -21.00
C MET A 112 -1.32 0.45 -21.51
N ASP A 113 -1.74 -0.80 -21.49
CA ASP A 113 -0.91 -1.84 -22.06
C ASP A 113 -1.26 -2.00 -23.53
N LYS A 114 -1.04 -3.20 -24.08
CA LYS A 114 -1.40 -3.45 -25.46
C LYS A 114 -2.90 -3.50 -25.69
N ASN A 115 -3.69 -3.62 -24.62
CA ASN A 115 -5.15 -3.59 -24.71
C ASN A 115 -5.67 -2.19 -24.43
N ASN A 116 -6.96 -2.00 -24.70
CA ASN A 116 -7.61 -0.69 -24.61
C ASN A 116 -7.98 -0.30 -23.17
N VAL A 117 -7.33 -0.88 -22.16
CA VAL A 117 -7.64 -0.51 -20.77
C VAL A 117 -6.34 -0.21 -20.03
N ARG A 118 -6.41 -0.14 -18.70
CA ARG A 118 -5.27 0.24 -17.88
C ARG A 118 -4.89 -0.87 -16.92
N ARG A 119 -3.60 -0.94 -16.60
CA ARG A 119 -3.05 -1.82 -15.57
C ARG A 119 -2.22 -0.97 -14.61
N GLN A 120 -1.97 -1.49 -13.42
CA GLN A 120 -1.36 -0.69 -12.38
C GLN A 120 0.04 -1.22 -12.03
N ALA A 121 0.89 -0.28 -11.70
CA ALA A 121 2.24 -0.51 -11.19
C ALA A 121 2.38 0.36 -9.95
N THR A 122 1.95 -0.17 -8.80
CA THR A 122 1.91 0.62 -7.58
C THR A 122 3.32 0.87 -7.03
N THR A 123 3.60 2.13 -6.68
CA THR A 123 4.80 2.48 -5.92
C THR A 123 4.44 3.44 -4.79
N ILE A 124 5.31 3.46 -3.79
CA ILE A 124 5.29 4.51 -2.78
C ILE A 124 6.36 5.53 -3.15
N ILE A 125 5.93 6.77 -3.34
CA ILE A 125 6.82 7.86 -3.72
C ILE A 125 7.32 8.46 -2.41
N ALA A 126 8.56 8.13 -2.04
CA ALA A 126 9.13 8.57 -0.77
C ALA A 126 9.55 10.04 -0.85
N ASP A 127 9.14 10.83 0.14
CA ASP A 127 9.68 12.18 0.25
C ASP A 127 10.47 12.39 1.53
N ASN A 128 10.60 11.37 2.36
CA ASN A 128 11.36 11.50 3.59
C ASN A 128 11.87 10.11 3.93
N ILE A 129 13.16 9.99 4.25
CA ILE A 129 13.75 8.71 4.61
C ILE A 129 14.63 8.93 5.84
N ILE A 130 14.49 8.07 6.83
CA ILE A 130 15.34 8.09 8.02
C ILE A 130 16.13 6.76 8.06
N PHE A 131 17.45 6.86 8.13
CA PHE A 131 18.31 5.68 8.25
C PHE A 131 18.39 5.28 9.72
N LEU A 132 17.98 4.04 10.00
CA LEU A 132 17.90 3.54 11.37
C LEU A 132 19.05 2.62 11.74
N SER A 133 19.68 2.00 10.73
CA SER A 133 20.84 1.13 10.90
C SER A 133 22.04 1.92 11.40
N GLU B 11 15.24 -19.94 6.46
CA GLU B 11 13.87 -19.92 6.97
C GLU B 11 13.56 -21.20 7.75
N THR B 12 13.10 -21.04 8.99
CA THR B 12 12.79 -22.16 9.87
C THR B 12 11.54 -21.81 10.67
N THR B 13 11.23 -22.65 11.68
CA THR B 13 10.30 -22.22 12.71
C THR B 13 10.93 -21.18 13.61
N THR B 14 12.27 -21.20 13.71
CA THR B 14 13.02 -20.17 14.43
C THR B 14 13.11 -18.87 13.66
N SER B 15 12.64 -18.82 12.42
CA SER B 15 12.54 -17.57 11.66
C SER B 15 11.31 -16.80 12.14
N LEU B 16 11.30 -16.51 13.44
CA LEU B 16 10.13 -15.86 14.06
C LEU B 16 9.96 -14.44 13.56
N VAL B 17 11.07 -13.75 13.28
CA VAL B 17 11.06 -12.36 12.84
C VAL B 17 10.22 -11.53 13.81
N LEU B 18 10.54 -11.64 15.10
CA LEU B 18 9.94 -10.73 16.09
C LEU B 18 10.30 -9.28 15.81
N GLU B 19 11.38 -9.05 15.05
CA GLU B 19 11.74 -7.72 14.62
C GLU B 19 10.55 -7.05 13.94
N ARG B 20 10.17 -5.84 14.46
CA ARG B 20 8.92 -5.24 14.08
C ARG B 20 9.11 -4.31 12.88
N SER B 21 8.01 -4.12 12.17
CA SER B 21 7.98 -3.22 11.03
C SER B 21 6.67 -2.45 11.08
N LEU B 22 6.50 -1.55 10.14
CA LEU B 22 5.40 -0.59 10.14
C LEU B 22 4.90 -0.50 8.71
N ASN B 23 3.57 -0.58 8.55
CA ASN B 23 2.91 -0.56 7.25
C ASN B 23 1.62 0.21 7.52
N ARG B 24 1.68 1.52 7.41
CA ARG B 24 0.53 2.29 7.86
C ARG B 24 0.22 3.36 6.82
N VAL B 25 -1.04 3.43 6.42
CA VAL B 25 -1.50 4.43 5.47
C VAL B 25 -2.65 5.22 6.10
N HIS B 26 -2.67 6.53 5.84
CA HIS B 26 -3.75 7.42 6.24
C HIS B 26 -4.26 8.09 4.98
N LEU B 27 -5.59 8.07 4.79
CA LEU B 27 -6.25 8.65 3.64
C LEU B 27 -7.38 9.53 4.11
N LEU B 28 -7.58 10.65 3.41
CA LEU B 28 -8.75 11.49 3.63
C LEU B 28 -9.23 11.89 2.24
N GLY B 29 -10.47 11.55 1.91
CA GLY B 29 -10.97 11.80 0.57
C GLY B 29 -12.46 11.53 0.43
N ARG B 30 -12.89 11.32 -0.81
CA ARG B 30 -14.31 11.16 -1.14
C ARG B 30 -14.57 9.80 -1.77
N VAL B 31 -15.67 9.19 -1.38
CA VAL B 31 -16.03 7.86 -1.84
C VAL B 31 -16.60 7.96 -3.25
N GLY B 32 -16.10 7.10 -4.15
CA GLY B 32 -16.47 7.11 -5.55
C GLY B 32 -17.81 6.51 -5.88
N GLN B 33 -18.15 5.38 -5.26
CA GLN B 33 -19.44 4.74 -5.47
C GLN B 33 -19.88 4.06 -4.17
N ASP B 34 -21.15 3.70 -4.12
CA ASP B 34 -21.68 2.97 -2.98
C ASP B 34 -20.83 1.73 -2.70
N PRO B 35 -20.63 1.36 -1.45
CA PRO B 35 -19.83 0.16 -1.16
C PRO B 35 -20.52 -1.08 -1.67
N VAL B 36 -19.72 -2.11 -1.95
CA VAL B 36 -20.27 -3.42 -2.29
C VAL B 36 -19.71 -4.43 -1.31
N LEU B 37 -20.38 -5.57 -1.23
CA LEU B 37 -20.02 -6.65 -0.32
C LEU B 37 -19.57 -7.85 -1.14
N ARG B 38 -18.42 -8.40 -0.77
CA ARG B 38 -17.89 -9.59 -1.42
C ARG B 38 -17.47 -10.58 -0.36
N GLN B 39 -17.32 -11.83 -0.79
CA GLN B 39 -16.72 -12.88 0.02
C GLN B 39 -15.37 -13.22 -0.61
N VAL B 40 -14.33 -13.38 0.23
CA VAL B 40 -13.03 -13.78 -0.32
C VAL B 40 -12.69 -15.18 0.20
N GLU B 41 -11.98 -15.93 -0.64
CA GLU B 41 -12.06 -17.38 -0.65
C GLU B 41 -13.52 -17.75 -0.43
N GLY B 42 -13.82 -18.69 0.45
CA GLY B 42 -15.20 -19.00 0.71
C GLY B 42 -15.76 -18.45 2.00
N LYS B 43 -15.00 -17.65 2.72
CA LYS B 43 -15.20 -17.55 4.17
C LYS B 43 -15.11 -16.15 4.76
N ASN B 44 -14.44 -15.19 4.13
CA ASN B 44 -14.15 -13.91 4.77
C ASN B 44 -14.96 -12.79 4.17
N PRO B 45 -16.14 -12.35 4.74
CA PRO B 45 -16.88 -11.22 4.16
C PRO B 45 -16.04 -9.95 4.20
N VAL B 46 -16.15 -9.16 3.14
CA VAL B 46 -15.39 -7.92 3.02
C VAL B 46 -16.28 -6.86 2.38
N THR B 47 -16.14 -5.63 2.87
CA THR B 47 -16.81 -4.47 2.31
C THR B 47 -15.79 -3.72 1.48
N ILE B 48 -16.15 -3.36 0.23
CA ILE B 48 -15.22 -2.72 -0.69
C ILE B 48 -15.81 -1.43 -1.23
N PHE B 49 -15.00 -0.38 -1.25
CA PHE B 49 -15.38 0.85 -1.94
C PHE B 49 -14.13 1.57 -2.44
N SER B 50 -14.36 2.63 -3.19
CA SER B 50 -13.29 3.44 -3.75
C SER B 50 -13.21 4.78 -3.02
N LEU B 51 -12.00 5.31 -2.95
CA LEU B 51 -11.72 6.58 -2.30
C LEU B 51 -10.79 7.40 -3.17
N ALA B 52 -11.16 8.67 -3.40
CA ALA B 52 -10.37 9.58 -4.22
C ALA B 52 -9.63 10.58 -3.34
N THR B 53 -8.33 10.72 -3.58
CA THR B 53 -7.51 11.77 -3.01
C THR B 53 -6.84 12.56 -4.12
N ASN B 54 -6.52 13.81 -3.82
CA ASN B 54 -5.96 14.74 -4.80
C ASN B 54 -4.67 15.37 -4.29
N GLU B 55 -3.76 15.77 -5.21
CA GLU B 55 -2.52 16.46 -4.92
C GLU B 55 -2.48 17.77 -5.68
N MET B 56 -1.87 18.78 -5.06
CA MET B 56 -1.92 20.14 -5.60
C MET B 56 -1.18 20.24 -6.93
N TRP B 57 0.13 20.01 -6.91
CA TRP B 57 0.95 19.99 -8.13
C TRP B 57 0.80 21.26 -8.98
N GLN B 72 -5.58 18.56 -9.79
CA GLN B 72 -4.52 18.09 -10.66
C GLN B 72 -4.69 16.61 -10.96
N LYS B 73 -4.01 15.76 -10.19
CA LYS B 73 -4.13 14.32 -10.32
C LYS B 73 -5.07 13.81 -9.23
N THR B 74 -6.11 13.08 -9.63
CA THR B 74 -6.95 12.36 -8.69
C THR B 74 -6.44 10.93 -8.58
N THR B 75 -6.08 10.51 -7.40
CA THR B 75 -5.63 9.15 -7.11
C THR B 75 -6.80 8.34 -6.56
N TRP B 76 -7.07 7.20 -7.16
CA TRP B 76 -8.23 6.38 -6.81
C TRP B 76 -7.76 5.14 -6.06
N HIS B 77 -8.18 5.02 -4.81
CA HIS B 77 -7.78 3.93 -3.93
C HIS B 77 -8.89 2.91 -3.83
N ARG B 78 -8.51 1.64 -3.74
CA ARG B 78 -9.43 0.56 -3.45
C ARG B 78 -9.36 0.27 -1.95
N ILE B 79 -10.48 0.45 -1.25
CA ILE B 79 -10.55 0.23 0.20
C ILE B 79 -11.25 -1.10 0.47
N SER B 80 -10.63 -1.94 1.30
CA SER B 80 -11.24 -3.18 1.76
C SER B 80 -11.38 -3.17 3.29
N VAL B 81 -12.55 -3.56 3.77
CA VAL B 81 -12.82 -3.62 5.20
C VAL B 81 -13.13 -5.06 5.57
N PHE B 82 -12.19 -5.70 6.26
CA PHE B 82 -12.33 -7.07 6.72
C PHE B 82 -12.75 -7.16 8.17
N ARG B 83 -12.38 -6.18 8.97
CA ARG B 83 -12.69 -6.23 10.39
C ARG B 83 -14.19 -6.43 10.59
N PRO B 84 -14.61 -7.41 11.38
CA PRO B 84 -16.03 -7.55 11.66
C PRO B 84 -16.54 -6.32 12.40
N GLY B 85 -17.78 -5.95 12.10
CA GLY B 85 -18.35 -4.79 12.75
C GLY B 85 -18.02 -3.52 11.99
N LEU B 86 -16.73 -3.22 11.86
CA LEU B 86 -16.31 -2.11 11.00
C LEU B 86 -16.82 -2.32 9.58
N ARG B 87 -16.75 -3.56 9.09
CA ARG B 87 -17.16 -3.80 7.70
C ARG B 87 -18.65 -3.56 7.53
N ASP B 88 -19.46 -3.86 8.54
CA ASP B 88 -20.89 -3.61 8.43
C ASP B 88 -21.22 -2.13 8.57
N VAL B 89 -20.56 -1.44 9.50
CA VAL B 89 -20.73 0.01 9.62
C VAL B 89 -20.37 0.70 8.32
N ALA B 90 -19.24 0.29 7.73
CA ALA B 90 -18.82 0.83 6.44
C ALA B 90 -19.89 0.59 5.38
N TYR B 91 -20.40 -0.64 5.29
CA TYR B 91 -21.34 -0.93 4.21
C TYR B 91 -22.62 -0.13 4.38
N GLN B 92 -23.04 0.09 5.62
CA GLN B 92 -24.32 0.76 5.85
C GLN B 92 -24.22 2.27 5.76
N TYR B 93 -23.05 2.85 6.08
CA TYR B 93 -22.91 4.30 6.20
C TYR B 93 -22.04 4.95 5.13
N VAL B 94 -21.09 4.25 4.53
CA VAL B 94 -20.36 4.82 3.40
C VAL B 94 -21.27 4.88 2.18
N LYS B 95 -21.30 6.02 1.51
CA LYS B 95 -22.11 6.22 0.31
C LYS B 95 -21.30 7.00 -0.70
N LYS B 96 -21.66 6.88 -1.98
CA LYS B 96 -20.99 7.68 -3.01
C LYS B 96 -21.02 9.15 -2.61
N GLY B 97 -19.87 9.80 -2.71
CA GLY B 97 -19.77 11.17 -2.26
C GLY B 97 -19.48 11.36 -0.79
N SER B 98 -19.49 10.30 0.02
CA SER B 98 -19.08 10.42 1.42
C SER B 98 -17.65 10.92 1.54
N ARG B 99 -17.42 11.80 2.51
CA ARG B 99 -16.07 12.21 2.88
C ARG B 99 -15.63 11.36 4.07
N ILE B 100 -14.45 10.76 3.96
CA ILE B 100 -14.00 9.73 4.88
C ILE B 100 -12.54 9.99 5.24
N TYR B 101 -12.19 9.81 6.51
CA TYR B 101 -10.83 9.61 6.95
C TYR B 101 -10.67 8.14 7.33
N LEU B 102 -9.55 7.55 6.94
CA LEU B 102 -9.35 6.16 7.29
C LEU B 102 -7.87 5.86 7.43
N GLU B 103 -7.60 4.79 8.14
CA GLU B 103 -6.25 4.28 8.37
C GLU B 103 -6.25 2.78 8.17
N GLY B 104 -5.11 2.26 7.73
CA GLY B 104 -4.94 0.84 7.54
C GLY B 104 -3.54 0.52 7.04
N LYS B 105 -3.43 -0.60 6.35
CA LYS B 105 -2.18 -1.09 5.79
C LYS B 105 -2.39 -1.33 4.30
N ILE B 106 -1.29 -1.26 3.54
CA ILE B 106 -1.29 -1.55 2.11
C ILE B 106 -1.12 -3.05 1.91
N ASP B 107 -1.95 -3.63 1.07
CA ASP B 107 -1.78 -4.99 0.57
C ASP B 107 -1.81 -4.89 -0.96
N TYR B 108 -0.78 -5.43 -1.62
CA TYR B 108 -0.68 -5.23 -3.06
C TYR B 108 -1.55 -6.20 -3.85
N GLY B 109 -2.08 -7.24 -3.21
CA GLY B 109 -3.08 -8.09 -3.85
C GLY B 109 -2.60 -8.75 -5.12
N GLU B 110 -1.34 -9.16 -5.16
CA GLU B 110 -0.80 -9.78 -6.38
C GLU B 110 -1.57 -11.04 -6.72
N TYR B 111 -1.69 -11.30 -8.03
CA TYR B 111 -2.40 -12.49 -8.49
C TYR B 111 -2.01 -12.75 -9.95
N MET B 112 -2.46 -13.85 -10.45
CA MET B 112 -2.25 -14.23 -11.82
C MET B 112 -3.57 -14.06 -12.58
N ASP B 113 -3.53 -13.29 -13.67
CA ASP B 113 -4.75 -13.07 -14.45
C ASP B 113 -5.04 -14.28 -15.34
N LYS B 114 -5.83 -14.08 -16.39
CA LYS B 114 -6.24 -15.21 -17.23
C LYS B 114 -5.04 -15.84 -17.94
N ASN B 115 -4.07 -15.02 -18.33
CA ASN B 115 -2.98 -15.48 -19.18
C ASN B 115 -1.66 -15.55 -18.41
N ASN B 116 -1.70 -16.04 -17.17
CA ASN B 116 -0.49 -16.28 -16.38
C ASN B 116 0.25 -15.00 -16.03
N VAL B 117 -0.30 -13.84 -16.39
CA VAL B 117 0.36 -12.57 -16.10
C VAL B 117 0.17 -12.23 -14.63
N ARG B 118 1.27 -11.89 -13.95
CA ARG B 118 1.17 -11.45 -12.57
C ARG B 118 0.71 -10.00 -12.54
N ARG B 119 -0.49 -9.75 -11.94
CA ARG B 119 -1.06 -8.42 -11.78
C ARG B 119 -1.03 -8.00 -10.32
N GLN B 120 -1.12 -6.69 -10.11
CA GLN B 120 -1.37 -6.12 -8.80
C GLN B 120 -2.81 -5.69 -8.71
N ALA B 121 -3.40 -5.87 -7.53
CA ALA B 121 -4.73 -5.33 -7.22
C ALA B 121 -4.61 -4.65 -5.86
N THR B 122 -3.89 -3.53 -5.84
CA THR B 122 -3.51 -2.91 -4.57
C THR B 122 -4.74 -2.42 -3.81
N THR B 123 -4.80 -2.75 -2.52
CA THR B 123 -5.92 -2.29 -1.71
C THR B 123 -5.40 -1.80 -0.37
N ILE B 124 -6.10 -0.82 0.19
CA ILE B 124 -5.85 -0.40 1.56
C ILE B 124 -6.86 -1.12 2.44
N ILE B 125 -6.34 -1.95 3.34
CA ILE B 125 -7.17 -2.70 4.29
C ILE B 125 -7.38 -1.80 5.50
N ALA B 126 -8.56 -1.20 5.61
CA ALA B 126 -8.83 -0.21 6.64
C ALA B 126 -9.16 -0.89 7.96
N ASP B 127 -8.49 -0.45 9.03
CA ASP B 127 -8.85 -0.91 10.36
C ASP B 127 -9.48 0.20 11.18
N ASN B 128 -9.64 1.39 10.61
CA ASN B 128 -10.23 2.51 11.33
C ASN B 128 -10.86 3.41 10.28
N ILE B 129 -12.12 3.78 10.48
CA ILE B 129 -12.82 4.66 9.56
C ILE B 129 -13.57 5.72 10.36
N ILE B 130 -13.35 6.98 10.03
CA ILE B 130 -14.03 8.09 10.66
C ILE B 130 -14.88 8.79 9.60
N PHE B 131 -16.17 8.97 9.90
CA PHE B 131 -17.14 9.50 8.93
C PHE B 131 -17.25 11.01 9.08
N LEU B 132 -17.04 11.73 7.96
CA LEU B 132 -16.98 13.19 8.00
C LEU B 132 -18.19 13.89 7.39
N SER B 133 -18.96 13.22 6.54
CA SER B 133 -20.13 13.86 5.94
C SER B 133 -21.44 13.21 6.40
N SER C 1 3.09 -21.98 14.26
CA SER C 1 3.84 -21.31 13.19
C SER C 1 3.13 -21.41 11.84
N SER C 2 2.92 -20.27 11.17
CA SER C 2 2.29 -20.20 9.87
C SER C 2 2.85 -19.02 9.10
N SER C 3 3.22 -19.23 7.83
CA SER C 3 3.85 -18.18 7.03
C SER C 3 3.25 -18.14 5.64
N SER C 4 2.64 -17.02 5.29
CA SER C 4 1.98 -16.87 3.99
C SER C 4 2.98 -16.57 2.88
#